data_8X73
#
_entry.id   8X73
#
_cell.length_a   64.307
_cell.length_b   77.928
_cell.length_c   81.339
_cell.angle_alpha   90.000
_cell.angle_beta   90.000
_cell.angle_gamma   90.000
#
_symmetry.space_group_name_H-M   'P 21 21 21'
#
loop_
_entity.id
_entity.type
_entity.pdbx_description
1 polymer Peroxiredoxin-1
2 non-polymer 'methyl (2~{S})-2-[[(2~{R},4~{a}~{S},6~{a}~{R},6~{a}~{S},14~{a}~{S},14~{b}~{R})-2,4~{a},6~{a},6~{a},9,14~{a}-hexamethyl-10-oxidanyl-11-oxidanylidene-1,3,4,5,6,13,14,14~{b}-octahydropicen-2-yl]carbamoylamino]-3-oxidanyl-propanoate'
3 water water
#
_entity_poly.entity_id   1
_entity_poly.type   'polypeptide(L)'
_entity_poly.pdbx_seq_one_letter_code
;MSSGNAKIGHPAPNFKATAVMPDGQFKDISLSDYKGKYVVFFFYPLDFTFVSPTEIIAFSDRAEEFKKLNCQVIGASVDS
HFSHLAWVNTPKKQGGLGPMNIPLVSDPKRTIAQDYGVLKADEGISFRGLFIIDDKGILRQITVNDLPVGRSVDETLRLV
QAFQFTDKHGEVCPA
;
_entity_poly.pdbx_strand_id   A,B
#
# COMPACT_ATOMS: atom_id res chain seq x y z
N SER A 3 -11.00 -3.47 9.88
CA SER A 3 -11.81 -4.62 9.49
C SER A 3 -11.76 -4.83 7.98
N GLY A 4 -12.85 -5.37 7.44
CA GLY A 4 -12.93 -5.72 6.03
C GLY A 4 -12.61 -7.19 5.80
N ASN A 5 -12.87 -7.62 4.56
CA ASN A 5 -12.66 -8.99 4.12
C ASN A 5 -11.57 -9.12 3.07
N ALA A 6 -10.81 -8.06 2.84
CA ALA A 6 -9.75 -8.08 1.83
C ALA A 6 -8.49 -8.65 2.48
N LYS A 7 -8.12 -9.87 2.08
CA LYS A 7 -6.97 -10.55 2.65
C LYS A 7 -6.07 -11.04 1.51
N ILE A 8 -4.77 -10.77 1.64
CA ILE A 8 -3.81 -11.21 0.62
C ILE A 8 -3.87 -12.72 0.49
N GLY A 9 -3.92 -13.20 -0.74
CA GLY A 9 -3.92 -14.63 -0.99
C GLY A 9 -5.28 -15.28 -0.93
N HIS A 10 -6.33 -14.52 -0.65
CA HIS A 10 -7.69 -14.98 -0.69
C HIS A 10 -8.43 -14.29 -1.83
N PRO A 11 -9.55 -14.85 -2.28
CA PRO A 11 -10.36 -14.15 -3.29
C PRO A 11 -10.71 -12.74 -2.85
N ALA A 12 -10.46 -11.77 -3.73
CA ALA A 12 -10.86 -10.41 -3.45
C ALA A 12 -12.38 -10.37 -3.33
N PRO A 13 -12.92 -9.58 -2.40
CA PRO A 13 -14.38 -9.52 -2.23
C PRO A 13 -15.07 -9.11 -3.52
N ASN A 14 -16.05 -9.91 -3.92
CA ASN A 14 -16.80 -9.57 -5.12
C ASN A 14 -17.73 -8.40 -4.82
N PHE A 15 -18.16 -7.75 -5.88
CA PHE A 15 -19.17 -6.71 -5.77
C PHE A 15 -19.97 -6.72 -7.06
N LYS A 16 -21.19 -6.18 -6.98
CA LYS A 16 -21.99 -5.91 -8.16
C LYS A 16 -22.55 -4.51 -8.00
N ALA A 17 -22.22 -3.60 -8.91
CA ALA A 17 -22.56 -2.21 -8.70
C ALA A 17 -22.74 -1.50 -10.03
N THR A 18 -23.44 -0.37 -9.98
CA THR A 18 -23.60 0.48 -11.16
C THR A 18 -22.33 1.29 -11.38
N ALA A 19 -21.81 1.24 -12.61
CA ALA A 19 -20.65 2.02 -13.02
C ALA A 19 -21.02 2.92 -14.19
N VAL A 20 -20.30 4.04 -14.29
CA VAL A 20 -20.30 4.81 -15.53
C VAL A 20 -19.16 4.27 -16.38
N MET A 21 -19.50 3.70 -17.53
CA MET A 21 -18.52 3.05 -18.38
C MET A 21 -17.81 4.06 -19.26
N PRO A 22 -16.67 3.67 -19.87
CA PRO A 22 -15.97 4.61 -20.76
C PRO A 22 -16.83 5.20 -21.86
N ASP A 23 -17.85 4.48 -22.33
CA ASP A 23 -18.71 5.06 -23.37
C ASP A 23 -19.70 6.09 -22.83
N GLY A 24 -19.62 6.42 -21.54
CA GLY A 24 -20.50 7.40 -20.94
C GLY A 24 -21.83 6.89 -20.46
N GLN A 25 -22.04 5.59 -20.45
CA GLN A 25 -23.33 5.00 -20.13
C GLN A 25 -23.25 4.16 -18.86
N PHE A 26 -24.38 4.04 -18.19
CA PHE A 26 -24.48 3.22 -16.99
C PHE A 26 -24.49 1.74 -17.35
N LYS A 27 -23.81 0.94 -16.53
CA LYS A 27 -23.87 -0.51 -16.65
C LYS A 27 -23.60 -1.11 -15.27
N ASP A 28 -24.33 -2.17 -14.93
CA ASP A 28 -24.06 -2.89 -13.70
C ASP A 28 -22.94 -3.90 -13.97
N ILE A 29 -21.85 -3.79 -13.22
CA ILE A 29 -20.68 -4.65 -13.42
C ILE A 29 -20.30 -5.32 -12.11
N SER A 30 -19.59 -6.45 -12.23
CA SER A 30 -19.10 -7.22 -11.11
C SER A 30 -17.60 -7.43 -11.24
N LEU A 31 -16.90 -7.49 -10.10
CA LEU A 31 -15.48 -7.80 -10.15
C LEU A 31 -15.23 -9.11 -10.88
N SER A 32 -16.11 -10.11 -10.66
CA SER A 32 -15.96 -11.40 -11.31
C SER A 32 -16.09 -11.31 -12.83
N ASP A 33 -16.68 -10.23 -13.36
CA ASP A 33 -16.68 -10.04 -14.81
C ASP A 33 -15.29 -10.07 -15.41
N TYR A 34 -14.27 -9.76 -14.60
CA TYR A 34 -12.91 -9.56 -15.10
C TYR A 34 -12.00 -10.72 -14.77
N LYS A 35 -12.54 -11.86 -14.34
CA LYS A 35 -11.73 -13.06 -14.23
C LYS A 35 -11.04 -13.33 -15.55
N GLY A 36 -9.76 -13.71 -15.48
CA GLY A 36 -8.93 -13.85 -16.64
C GLY A 36 -8.02 -12.68 -16.92
N LYS A 37 -8.27 -11.54 -16.26
CA LYS A 37 -7.44 -10.35 -16.35
C LYS A 37 -7.01 -9.92 -14.95
N TYR A 38 -5.84 -9.31 -14.86
CA TYR A 38 -5.50 -8.59 -13.64
C TYR A 38 -6.42 -7.38 -13.52
N VAL A 39 -6.66 -6.95 -12.28
CA VAL A 39 -7.50 -5.80 -11.99
C VAL A 39 -6.78 -4.89 -11.00
N VAL A 40 -6.75 -3.60 -11.31
CA VAL A 40 -6.43 -2.56 -10.34
C VAL A 40 -7.75 -1.93 -9.95
N PHE A 41 -8.14 -2.08 -8.69
CA PHE A 41 -9.40 -1.55 -8.17
C PHE A 41 -9.06 -0.50 -7.13
N PHE A 42 -9.49 0.75 -7.36
CA PHE A 42 -9.08 1.83 -6.47
C PHE A 42 -10.26 2.69 -6.07
N PHE A 43 -10.26 3.12 -4.81
CA PHE A 43 -11.26 3.98 -4.22
C PHE A 43 -10.73 5.41 -4.11
N TYR A 44 -11.64 6.38 -4.19
CA TYR A 44 -11.32 7.76 -3.86
C TYR A 44 -12.47 8.29 -3.02
N PRO A 45 -12.23 9.37 -2.23
CA PRO A 45 -13.21 9.71 -1.19
C PRO A 45 -14.55 10.19 -1.70
N LEU A 46 -14.58 11.17 -2.61
CA LEU A 46 -15.85 11.60 -3.19
C LEU A 46 -15.58 12.41 -4.46
N ASP A 47 -16.64 12.59 -5.24
CA ASP A 47 -16.57 13.29 -6.51
C ASP A 47 -16.39 14.79 -6.31
N PHE A 48 -15.99 15.47 -7.40
CA PHE A 48 -15.93 16.94 -7.47
C PHE A 48 -14.97 17.50 -6.42
N THR A 49 -13.85 16.80 -6.23
CA THR A 49 -12.82 17.17 -5.28
C THR A 49 -11.57 17.60 -6.05
N PHE A 50 -10.44 17.62 -5.37
CA PHE A 50 -9.28 18.32 -5.88
C PHE A 50 -8.06 17.45 -6.07
N VAL A 51 -7.79 16.51 -5.15
CA VAL A 51 -6.74 15.53 -5.38
C VAL A 51 -7.26 14.38 -6.22
N SER A 52 -8.47 13.89 -5.92
CA SER A 52 -9.02 12.74 -6.64
C SER A 52 -9.04 12.88 -8.15
N PRO A 53 -9.47 14.00 -8.74
CA PRO A 53 -9.50 14.05 -10.21
C PRO A 53 -8.14 13.87 -10.84
N THR A 54 -7.08 14.36 -10.19
CA THR A 54 -5.73 14.18 -10.75
C THR A 54 -5.38 12.70 -10.85
N GLU A 55 -5.74 11.92 -9.82
CA GLU A 55 -5.49 10.49 -9.83
C GLU A 55 -6.33 9.80 -10.89
N ILE A 56 -7.64 10.10 -10.91
CA ILE A 56 -8.55 9.43 -11.82
C ILE A 56 -8.13 9.69 -13.27
N ILE A 57 -7.84 10.96 -13.58
CA ILE A 57 -7.44 11.33 -14.93
C ILE A 57 -6.10 10.68 -15.31
N ALA A 58 -5.19 10.54 -14.34
CA ALA A 58 -3.91 9.90 -14.65
C ALA A 58 -4.11 8.43 -15.02
N PHE A 59 -4.91 7.70 -14.23
CA PHE A 59 -5.18 6.30 -14.57
C PHE A 59 -5.93 6.21 -15.89
N SER A 60 -6.90 7.10 -16.12
CA SER A 60 -7.63 7.08 -17.39
C SER A 60 -6.71 7.36 -18.56
N ASP A 61 -5.89 8.42 -18.46
CA ASP A 61 -5.00 8.81 -19.55
C ASP A 61 -4.03 7.69 -19.90
N ARG A 62 -3.63 6.89 -18.92
CA ARG A 62 -2.62 5.86 -19.10
C ARG A 62 -3.22 4.46 -19.16
N ALA A 63 -4.52 4.36 -19.45
CA ALA A 63 -5.18 3.07 -19.47
C ALA A 63 -4.53 2.10 -20.45
N GLU A 64 -3.99 2.61 -21.55
CA GLU A 64 -3.39 1.71 -22.55
C GLU A 64 -2.19 0.97 -21.98
N GLU A 65 -1.44 1.61 -21.07
CA GLU A 65 -0.32 0.91 -20.44
C GLU A 65 -0.81 -0.27 -19.59
N PHE A 66 -2.01 -0.17 -19.03
CA PHE A 66 -2.56 -1.31 -18.31
C PHE A 66 -3.15 -2.33 -19.29
N LYS A 67 -3.75 -1.85 -20.37
CA LYS A 67 -4.27 -2.78 -21.39
C LYS A 67 -3.16 -3.64 -21.96
N LYS A 68 -1.96 -3.07 -22.14
CA LYS A 68 -0.81 -3.84 -22.61
C LYS A 68 -0.43 -4.95 -21.65
N LEU A 69 -0.77 -4.82 -20.37
CA LEU A 69 -0.54 -5.83 -19.36
C LEU A 69 -1.76 -6.69 -19.10
N ASN A 70 -2.78 -6.63 -19.97
CA ASN A 70 -4.00 -7.41 -19.76
C ASN A 70 -4.59 -7.11 -18.39
N CYS A 71 -4.63 -5.83 -18.04
CA CYS A 71 -5.04 -5.37 -16.71
C CYS A 71 -6.16 -4.35 -16.85
N GLN A 72 -7.27 -4.62 -16.18
CA GLN A 72 -8.41 -3.70 -16.13
C GLN A 72 -8.26 -2.77 -14.92
N VAL A 73 -8.44 -1.47 -15.13
CA VAL A 73 -8.46 -0.50 -14.03
C VAL A 73 -9.90 -0.08 -13.78
N ILE A 74 -10.28 -0.05 -12.50
CA ILE A 74 -11.64 0.32 -12.07
C ILE A 74 -11.51 1.26 -10.88
N GLY A 75 -12.14 2.44 -10.98
CA GLY A 75 -12.23 3.36 -9.86
C GLY A 75 -13.60 3.29 -9.17
N ALA A 76 -13.66 3.79 -7.93
CA ALA A 76 -14.90 3.68 -7.16
C ALA A 76 -14.96 4.74 -6.08
N SER A 77 -16.18 5.19 -5.76
CA SER A 77 -16.42 6.00 -4.58
C SER A 77 -17.86 5.78 -4.16
N VAL A 78 -18.21 6.33 -2.99
CA VAL A 78 -19.56 6.17 -2.46
C VAL A 78 -20.60 7.06 -3.13
N ASP A 79 -20.19 7.97 -4.01
CA ASP A 79 -21.13 8.88 -4.68
C ASP A 79 -22.09 8.10 -5.57
N SER A 80 -23.22 8.74 -5.87
CA SER A 80 -24.21 8.12 -6.73
C SER A 80 -23.70 8.00 -8.16
N HIS A 81 -24.33 7.12 -8.93
CA HIS A 81 -23.91 6.96 -10.31
C HIS A 81 -24.20 8.20 -11.12
N PHE A 82 -25.24 8.97 -10.75
CA PHE A 82 -25.50 10.25 -11.41
C PHE A 82 -24.38 11.25 -11.15
N SER A 83 -23.88 11.29 -9.91
CA SER A 83 -22.75 12.17 -9.60
C SER A 83 -21.54 11.84 -10.46
N HIS A 84 -21.22 10.55 -10.60
CA HIS A 84 -20.11 10.16 -11.46
C HIS A 84 -20.31 10.67 -12.88
N LEU A 85 -21.51 10.46 -13.43
CA LEU A 85 -21.78 10.86 -14.81
C LEU A 85 -21.66 12.38 -14.96
N ALA A 86 -22.19 13.15 -14.01
CA ALA A 86 -22.07 14.59 -14.08
C ALA A 86 -20.61 15.04 -14.05
N TRP A 87 -19.77 14.34 -13.28
CA TRP A 87 -18.36 14.71 -13.24
C TRP A 87 -17.67 14.39 -14.56
N VAL A 88 -17.99 13.24 -15.16
CA VAL A 88 -17.48 12.89 -16.48
C VAL A 88 -17.95 13.90 -17.53
N ASN A 89 -19.22 14.30 -17.45
CA ASN A 89 -19.80 15.22 -18.43
C ASN A 89 -19.29 16.64 -18.28
N THR A 90 -18.61 16.96 -17.18
CA THR A 90 -18.02 18.27 -16.99
C THR A 90 -16.63 18.27 -17.59
N PRO A 91 -16.30 19.16 -18.53
CA PRO A 91 -14.99 19.09 -19.19
C PRO A 91 -13.86 19.30 -18.20
N LYS A 92 -12.72 18.66 -18.51
CA LYS A 92 -11.54 18.78 -17.66
C LYS A 92 -11.12 20.23 -17.50
N LYS A 93 -11.22 21.02 -18.56
CA LYS A 93 -10.81 22.41 -18.48
C LYS A 93 -11.71 23.24 -17.57
N GLN A 94 -12.88 22.72 -17.18
CA GLN A 94 -13.76 23.42 -16.25
C GLN A 94 -13.81 22.77 -14.88
N GLY A 95 -12.87 21.88 -14.57
CA GLY A 95 -12.83 21.24 -13.28
C GLY A 95 -13.49 19.88 -13.19
N GLY A 96 -13.86 19.29 -14.33
CA GLY A 96 -14.44 17.97 -14.35
C GLY A 96 -13.42 16.90 -14.70
N LEU A 97 -13.92 15.69 -14.93
CA LEU A 97 -13.06 14.60 -15.38
C LEU A 97 -12.89 14.57 -16.89
N GLY A 98 -13.91 14.95 -17.65
CA GLY A 98 -13.92 14.72 -19.07
C GLY A 98 -14.07 13.24 -19.38
N PRO A 99 -13.99 12.89 -20.67
CA PRO A 99 -14.17 11.49 -21.07
C PRO A 99 -13.15 10.56 -20.42
N MET A 100 -13.63 9.38 -20.03
CA MET A 100 -12.85 8.42 -19.26
C MET A 100 -12.57 7.17 -20.08
N ASN A 101 -11.41 6.57 -19.83
CA ASN A 101 -11.08 5.28 -20.42
C ASN A 101 -11.26 4.13 -19.44
N ILE A 102 -11.71 4.42 -18.21
CA ILE A 102 -11.91 3.40 -17.18
C ILE A 102 -13.31 3.54 -16.64
N PRO A 103 -13.94 2.46 -16.16
CA PRO A 103 -15.22 2.58 -15.48
C PRO A 103 -15.08 3.14 -14.08
N LEU A 104 -16.11 3.85 -13.62
CA LEU A 104 -16.18 4.40 -12.27
C LEU A 104 -17.39 3.81 -11.56
N VAL A 105 -17.14 3.03 -10.51
CA VAL A 105 -18.16 2.31 -9.76
C VAL A 105 -18.76 3.23 -8.70
N SER A 106 -20.08 3.13 -8.50
CA SER A 106 -20.79 3.82 -7.43
C SER A 106 -21.10 2.85 -6.30
N ASP A 107 -20.76 3.25 -5.06
CA ASP A 107 -20.90 2.42 -3.86
C ASP A 107 -21.76 3.16 -2.84
N PRO A 108 -23.01 3.49 -3.19
CA PRO A 108 -23.82 4.36 -2.31
C PRO A 108 -24.20 3.73 -0.99
N LYS A 109 -24.21 2.40 -0.89
CA LYS A 109 -24.53 1.74 0.38
C LYS A 109 -23.29 1.52 1.23
N ARG A 110 -22.12 1.88 0.72
CA ARG A 110 -20.84 1.81 1.42
C ARG A 110 -20.39 0.39 1.69
N THR A 111 -21.08 -0.60 1.13
CA THR A 111 -20.75 -1.98 1.44
C THR A 111 -19.47 -2.43 0.73
N ILE A 112 -19.17 -1.88 -0.44
CA ILE A 112 -17.92 -2.28 -1.09
C ILE A 112 -16.73 -1.70 -0.33
N ALA A 113 -16.81 -0.43 0.04
CA ALA A 113 -15.75 0.16 0.84
C ALA A 113 -15.58 -0.60 2.15
N GLN A 114 -16.68 -1.00 2.78
CA GLN A 114 -16.59 -1.78 4.01
C GLN A 114 -15.92 -3.13 3.78
N ASP A 115 -16.29 -3.81 2.69
CA ASP A 115 -15.69 -5.12 2.40
C ASP A 115 -14.20 -5.00 2.17
N TYR A 116 -13.74 -3.88 1.62
CA TYR A 116 -12.31 -3.69 1.35
C TYR A 116 -11.60 -3.00 2.50
N GLY A 117 -12.30 -2.70 3.59
CA GLY A 117 -11.67 -2.19 4.78
C GLY A 117 -11.20 -0.76 4.68
N VAL A 118 -11.81 0.04 3.80
CA VAL A 118 -11.33 1.40 3.56
C VAL A 118 -12.38 2.46 3.88
N LEU A 119 -13.47 2.09 4.55
CA LEU A 119 -14.45 3.11 4.92
C LEU A 119 -13.94 3.90 6.12
N LYS A 120 -13.92 5.23 6.00
CA LYS A 120 -13.51 6.09 7.10
C LYS A 120 -14.72 6.32 8.01
N ALA A 121 -14.57 5.91 9.28
CA ALA A 121 -15.67 5.91 10.22
C ALA A 121 -16.29 7.29 10.41
N ASP A 122 -17.62 7.33 10.39
CA ASP A 122 -18.40 8.51 10.73
C ASP A 122 -18.21 9.67 9.77
N GLU A 123 -17.43 9.48 8.70
CA GLU A 123 -17.37 10.47 7.62
C GLU A 123 -18.04 9.99 6.35
N GLY A 124 -18.38 8.71 6.26
CA GLY A 124 -19.13 8.19 5.14
C GLY A 124 -18.38 8.17 3.82
N ILE A 125 -17.05 8.22 3.84
CA ILE A 125 -16.26 8.24 2.62
C ILE A 125 -15.15 7.22 2.75
N SER A 126 -14.59 6.83 1.62
CA SER A 126 -13.48 5.89 1.64
C SER A 126 -12.14 6.61 1.72
N PHE A 127 -11.17 5.95 2.33
CA PHE A 127 -9.77 6.31 2.19
C PHE A 127 -9.31 6.05 0.76
N ARG A 128 -8.07 6.44 0.45
CA ARG A 128 -7.48 6.19 -0.87
C ARG A 128 -6.92 4.77 -0.92
N GLY A 129 -7.83 3.81 -1.06
CA GLY A 129 -7.46 2.41 -1.14
C GLY A 129 -7.25 1.98 -2.59
N LEU A 130 -6.24 1.13 -2.80
CA LEU A 130 -5.96 0.58 -4.11
C LEU A 130 -5.58 -0.89 -3.93
N PHE A 131 -6.13 -1.74 -4.79
CA PHE A 131 -6.02 -3.18 -4.63
C PHE A 131 -5.65 -3.80 -5.95
N ILE A 132 -4.68 -4.71 -5.93
CA ILE A 132 -4.25 -5.42 -7.13
C ILE A 132 -4.73 -6.86 -7.00
N ILE A 133 -5.51 -7.29 -7.98
CA ILE A 133 -6.20 -8.57 -7.98
C ILE A 133 -5.75 -9.33 -9.23
N ASP A 134 -5.34 -10.59 -9.06
CA ASP A 134 -4.78 -11.28 -10.22
C ASP A 134 -5.90 -11.89 -11.07
N ASP A 135 -5.50 -12.58 -12.15
CA ASP A 135 -6.45 -13.11 -13.12
C ASP A 135 -7.29 -14.26 -12.57
N LYS A 136 -6.91 -14.82 -11.42
CA LYS A 136 -7.72 -15.81 -10.74
C LYS A 136 -8.67 -15.20 -9.71
N GLY A 137 -8.67 -13.88 -9.57
CA GLY A 137 -9.49 -13.23 -8.58
C GLY A 137 -8.89 -13.12 -7.20
N ILE A 138 -7.60 -13.46 -7.05
CA ILE A 138 -6.95 -13.48 -5.75
C ILE A 138 -6.31 -12.13 -5.47
N LEU A 139 -6.53 -11.61 -4.27
CA LEU A 139 -5.93 -10.34 -3.88
C LEU A 139 -4.42 -10.49 -3.68
N ARG A 140 -3.64 -9.64 -4.35
CA ARG A 140 -2.19 -9.72 -4.28
C ARG A 140 -1.55 -8.52 -3.58
N GLN A 141 -2.21 -7.37 -3.53
CA GLN A 141 -1.58 -6.17 -3.01
C GLN A 141 -2.64 -5.25 -2.43
N ILE A 142 -2.31 -4.63 -1.28
CA ILE A 142 -3.16 -3.66 -0.59
C ILE A 142 -2.38 -2.37 -0.44
N THR A 143 -2.99 -1.25 -0.84
CA THR A 143 -2.45 0.08 -0.66
C THR A 143 -3.55 0.95 -0.07
N VAL A 144 -3.28 1.61 1.06
CA VAL A 144 -4.28 2.54 1.61
C VAL A 144 -3.55 3.81 2.06
N ASN A 145 -3.91 4.95 1.47
CA ASN A 145 -3.38 6.25 1.86
C ASN A 145 -4.42 7.03 2.63
N ASP A 146 -3.98 7.73 3.67
CA ASP A 146 -4.80 8.79 4.26
C ASP A 146 -5.16 9.81 3.17
N LEU A 147 -6.25 10.54 3.41
CA LEU A 147 -6.85 11.39 2.39
C LEU A 147 -5.93 12.39 1.70
N PRO A 148 -4.96 13.04 2.36
CA PRO A 148 -4.25 14.14 1.68
C PRO A 148 -3.25 13.74 0.62
N VAL A 149 -2.89 12.45 0.48
CA VAL A 149 -1.77 12.07 -0.37
C VAL A 149 -2.23 11.09 -1.43
N GLY A 150 -1.95 11.42 -2.69
CA GLY A 150 -2.39 10.63 -3.81
C GLY A 150 -1.43 9.50 -4.17
N ARG A 151 -1.85 8.73 -5.15
CA ARG A 151 -1.18 7.52 -5.59
C ARG A 151 -0.45 7.76 -6.90
N SER A 152 0.44 6.83 -7.23
CA SER A 152 1.32 6.93 -8.39
C SER A 152 0.95 5.85 -9.40
N VAL A 153 0.68 6.27 -10.64
CA VAL A 153 0.44 5.30 -11.70
C VAL A 153 1.70 4.50 -12.00
N ASP A 154 2.86 5.17 -11.99
CA ASP A 154 4.13 4.46 -12.18
C ASP A 154 4.30 3.32 -11.17
N GLU A 155 4.06 3.60 -9.90
CA GLU A 155 4.21 2.56 -8.88
C GLU A 155 3.20 1.44 -9.09
N THR A 156 1.97 1.79 -9.49
CA THR A 156 0.96 0.77 -9.72
C THR A 156 1.35 -0.14 -10.88
N LEU A 157 1.88 0.44 -11.97
CA LEU A 157 2.37 -0.37 -13.07
C LEU A 157 3.55 -1.24 -12.65
N ARG A 158 4.48 -0.69 -11.87
CA ARG A 158 5.59 -1.50 -11.36
C ARG A 158 5.06 -2.75 -10.66
N LEU A 159 4.06 -2.57 -9.81
CA LEU A 159 3.52 -3.69 -9.04
C LEU A 159 2.82 -4.70 -9.95
N VAL A 160 1.96 -4.22 -10.87
CA VAL A 160 1.28 -5.16 -11.76
C VAL A 160 2.30 -5.96 -12.56
N GLN A 161 3.30 -5.28 -13.11
CA GLN A 161 4.37 -5.97 -13.86
C GLN A 161 5.08 -6.99 -12.99
N ALA A 162 5.38 -6.63 -11.75
CA ALA A 162 6.12 -7.53 -10.87
C ALA A 162 5.31 -8.76 -10.49
N PHE A 163 4.00 -8.61 -10.29
CA PHE A 163 3.17 -9.76 -10.00
C PHE A 163 3.05 -10.67 -11.21
N GLN A 164 2.93 -10.09 -12.41
CA GLN A 164 2.86 -10.92 -13.60
C GLN A 164 4.18 -11.64 -13.85
N PHE A 165 5.30 -10.97 -13.55
CA PHE A 165 6.62 -11.59 -13.67
C PHE A 165 6.71 -12.81 -12.75
N THR A 166 6.40 -12.63 -11.47
CA THR A 166 6.56 -13.76 -10.55
C THR A 166 5.52 -14.85 -10.77
N ASP A 167 4.35 -14.52 -11.35
CA ASP A 167 3.39 -15.56 -11.70
C ASP A 167 3.98 -16.55 -12.71
N LYS A 168 5.03 -16.15 -13.43
CA LYS A 168 5.59 -17.04 -14.45
C LYS A 168 6.40 -18.18 -13.85
N HIS A 169 6.82 -18.14 -12.59
CA HIS A 169 7.67 -19.21 -12.10
C HIS A 169 7.15 -19.87 -10.83
N GLY A 170 6.89 -21.17 -10.92
CA GLY A 170 6.75 -22.01 -9.74
C GLY A 170 5.36 -22.20 -9.19
N GLU A 171 4.33 -22.11 -10.02
CA GLU A 171 2.96 -22.13 -9.54
C GLU A 171 2.39 -23.53 -9.57
N VAL A 172 1.38 -23.75 -8.71
CA VAL A 172 1.01 -25.10 -8.31
C VAL A 172 0.56 -25.95 -9.49
N CYS A 173 -0.02 -25.34 -10.52
CA CYS A 173 -0.51 -26.07 -11.70
C CYS A 173 0.38 -25.78 -12.89
N PRO A 174 1.36 -26.64 -13.20
CA PRO A 174 2.37 -26.52 -14.27
C PRO A 174 1.92 -25.71 -15.49
N GLY B 4 -6.04 -7.08 12.28
CA GLY B 4 -5.15 -6.42 13.21
C GLY B 4 -5.70 -5.13 13.78
N ASN B 5 -4.80 -4.31 14.33
CA ASN B 5 -5.16 -3.06 14.99
C ASN B 5 -4.61 -1.84 14.26
N ALA B 6 -4.07 -2.00 13.06
CA ALA B 6 -3.51 -0.88 12.30
C ALA B 6 -4.62 -0.21 11.51
N LYS B 7 -4.98 1.01 11.91
CA LYS B 7 -6.06 1.76 11.28
C LYS B 7 -5.56 3.15 10.92
N ILE B 8 -5.82 3.56 9.68
CA ILE B 8 -5.41 4.89 9.24
C ILE B 8 -6.09 5.94 10.13
N GLY B 9 -5.31 6.91 10.60
CA GLY B 9 -5.85 7.97 11.43
C GLY B 9 -5.88 7.67 12.91
N HIS B 10 -5.50 6.47 13.31
CA HIS B 10 -5.41 6.06 14.71
C HIS B 10 -3.95 5.80 15.08
N PRO B 11 -3.61 5.84 16.37
CA PRO B 11 -2.24 5.51 16.78
C PRO B 11 -1.81 4.15 16.25
N ALA B 12 -0.63 4.13 15.65
CA ALA B 12 -0.07 2.86 15.22
C ALA B 12 0.18 1.98 16.44
N PRO B 13 -0.08 0.67 16.34
CA PRO B 13 0.14 -0.21 17.50
C PRO B 13 1.57 -0.14 18.00
N ASN B 14 1.73 0.04 19.30
CA ASN B 14 3.08 0.04 19.85
C ASN B 14 3.61 -1.38 19.88
N PHE B 15 4.93 -1.48 19.97
CA PHE B 15 5.59 -2.75 20.17
C PHE B 15 6.84 -2.50 20.97
N LYS B 16 7.29 -3.53 21.67
CA LYS B 16 8.61 -3.54 22.28
C LYS B 16 9.26 -4.87 21.93
N ALA B 17 10.42 -4.79 21.28
CA ALA B 17 11.02 -6.00 20.73
C ALA B 17 12.53 -5.84 20.67
N THR B 18 13.22 -6.98 20.65
CA THR B 18 14.66 -6.95 20.47
C THR B 18 14.99 -6.72 19.00
N ALA B 19 15.87 -5.76 18.74
CA ALA B 19 16.36 -5.50 17.40
C ALA B 19 17.87 -5.66 17.36
N VAL B 20 18.40 -6.01 16.20
CA VAL B 20 19.84 -5.85 15.95
C VAL B 20 20.04 -4.43 15.41
N MET B 21 20.85 -3.66 16.11
CA MET B 21 21.05 -2.25 15.80
C MET B 21 22.17 -2.09 14.79
N PRO B 22 22.29 -0.89 14.19
CA PRO B 22 23.36 -0.66 13.21
C PRO B 22 24.76 -0.97 13.73
N ASP B 23 25.03 -0.83 15.03
CA ASP B 23 26.35 -1.19 15.55
C ASP B 23 26.56 -2.69 15.72
N GLY B 24 25.57 -3.51 15.36
CA GLY B 24 25.73 -4.94 15.47
C GLY B 24 25.37 -5.52 16.81
N GLN B 25 24.91 -4.69 17.74
CA GLN B 25 24.51 -5.14 19.06
C GLN B 25 22.98 -5.23 19.16
N PHE B 26 22.51 -5.99 20.14
CA PHE B 26 21.08 -6.15 20.36
C PHE B 26 20.58 -5.11 21.34
N LYS B 27 19.40 -4.55 21.04
CA LYS B 27 18.77 -3.58 21.90
C LYS B 27 17.25 -3.76 21.86
N ASP B 28 16.60 -3.64 23.01
CA ASP B 28 15.15 -3.66 23.03
C ASP B 28 14.63 -2.27 22.73
N ILE B 29 13.83 -2.14 21.68
CA ILE B 29 13.33 -0.85 21.21
C ILE B 29 11.82 -0.91 21.11
N SER B 30 11.20 0.28 21.18
CA SER B 30 9.76 0.44 21.05
C SER B 30 9.45 1.46 19.97
N LEU B 31 8.29 1.28 19.32
CA LEU B 31 7.84 2.29 18.36
C LEU B 31 7.77 3.66 19.01
N SER B 32 7.32 3.71 20.27
CA SER B 32 7.16 4.98 20.98
C SER B 32 8.49 5.67 21.24
N ASP B 33 9.62 4.95 21.14
CA ASP B 33 10.93 5.59 21.23
C ASP B 33 11.10 6.68 20.19
N TYR B 34 10.34 6.60 19.10
CA TYR B 34 10.56 7.45 17.93
C TYR B 34 9.49 8.51 17.77
N LYS B 35 8.68 8.73 18.81
CA LYS B 35 7.77 9.86 18.80
C LYS B 35 8.55 11.16 18.53
N GLY B 36 7.96 12.03 17.72
CA GLY B 36 8.63 13.22 17.26
C GLY B 36 9.27 13.10 15.89
N LYS B 37 9.40 11.88 15.39
CA LYS B 37 9.91 11.60 14.05
C LYS B 37 8.88 10.80 13.29
N TYR B 38 8.85 10.98 11.97
CA TYR B 38 8.16 10.00 11.13
C TYR B 38 8.88 8.67 11.22
N VAL B 39 8.12 7.59 11.01
CA VAL B 39 8.65 6.24 11.03
C VAL B 39 8.14 5.49 9.81
N VAL B 40 9.04 4.82 9.11
CA VAL B 40 8.69 3.79 8.14
C VAL B 40 8.98 2.46 8.82
N PHE B 41 7.94 1.68 9.09
CA PHE B 41 8.05 0.37 9.73
C PHE B 41 7.69 -0.68 8.70
N PHE B 42 8.66 -1.53 8.32
CA PHE B 42 8.39 -2.53 7.28
C PHE B 42 8.74 -3.93 7.75
N PHE B 43 7.88 -4.88 7.36
CA PHE B 43 8.03 -6.30 7.65
C PHE B 43 8.61 -6.99 6.43
N TYR B 44 9.47 -7.98 6.66
CA TYR B 44 9.86 -8.88 5.59
C TYR B 44 9.73 -10.31 6.10
N PRO B 45 9.50 -11.28 5.21
CA PRO B 45 9.16 -12.63 5.69
C PRO B 45 10.23 -13.30 6.53
N LEU B 46 11.41 -13.54 5.95
CA LEU B 46 12.42 -14.37 6.60
C LEU B 46 13.81 -13.89 6.23
N ASP B 47 14.77 -14.22 7.10
CA ASP B 47 16.18 -14.02 6.78
C ASP B 47 16.66 -15.05 5.77
N PHE B 48 17.77 -14.70 5.11
CA PHE B 48 18.48 -15.60 4.18
C PHE B 48 17.60 -15.95 2.98
N THR B 49 16.88 -14.96 2.49
CA THR B 49 15.94 -15.05 1.38
C THR B 49 16.45 -14.19 0.22
N PHE B 50 15.73 -14.17 -0.91
CA PHE B 50 16.30 -13.52 -2.09
C PHE B 50 15.59 -12.27 -2.58
N VAL B 51 14.33 -12.02 -2.19
CA VAL B 51 13.71 -10.73 -2.50
C VAL B 51 13.97 -9.72 -1.38
N SER B 52 13.81 -10.15 -0.13
CA SER B 52 14.06 -9.27 1.01
C SER B 52 15.41 -8.57 1.03
N PRO B 53 16.55 -9.20 0.70
CA PRO B 53 17.81 -8.45 0.82
C PRO B 53 17.87 -7.24 -0.10
N THR B 54 17.25 -7.30 -1.28
CA THR B 54 17.24 -6.12 -2.15
C THR B 54 16.57 -4.95 -1.45
N GLU B 55 15.45 -5.20 -0.78
CA GLU B 55 14.73 -4.16 -0.04
C GLU B 55 15.53 -3.67 1.16
N ILE B 56 15.99 -4.60 2.00
CA ILE B 56 16.67 -4.22 3.23
C ILE B 56 17.92 -3.40 2.93
N ILE B 57 18.71 -3.86 1.96
CA ILE B 57 19.93 -3.15 1.60
C ILE B 57 19.61 -1.78 1.00
N ALA B 58 18.52 -1.68 0.22
CA ALA B 58 18.15 -0.38 -0.34
C ALA B 58 17.75 0.61 0.75
N PHE B 59 16.91 0.17 1.68
CA PHE B 59 16.55 1.06 2.79
C PHE B 59 17.77 1.43 3.62
N SER B 60 18.67 0.48 3.84
CA SER B 60 19.87 0.76 4.63
C SER B 60 20.81 1.69 3.87
N ASP B 61 21.06 1.39 2.58
CA ASP B 61 21.96 2.23 1.77
C ASP B 61 21.47 3.66 1.71
N ARG B 62 20.15 3.86 1.66
CA ARG B 62 19.56 5.17 1.44
C ARG B 62 19.02 5.77 2.72
N ALA B 63 19.52 5.31 3.88
CA ALA B 63 19.01 5.78 5.15
C ALA B 63 19.17 7.29 5.29
N GLU B 64 20.22 7.87 4.70
CA GLU B 64 20.43 9.31 4.82
C GLU B 64 19.28 10.10 4.19
N GLU B 65 18.69 9.57 3.12
CA GLU B 65 17.56 10.28 2.51
C GLU B 65 16.36 10.31 3.44
N PHE B 66 16.20 9.27 4.25
CA PHE B 66 15.14 9.31 5.26
C PHE B 66 15.52 10.22 6.42
N LYS B 67 16.80 10.23 6.81
CA LYS B 67 17.26 11.13 7.86
C LYS B 67 17.00 12.59 7.49
N LYS B 68 17.20 12.94 6.22
CA LYS B 68 16.92 14.30 5.76
C LYS B 68 15.45 14.67 5.93
N LEU B 69 14.56 13.67 5.92
CA LEU B 69 13.15 13.86 6.17
C LEU B 69 12.76 13.63 7.63
N ASN B 70 13.73 13.59 8.54
CA ASN B 70 13.47 13.34 9.95
C ASN B 70 12.63 12.08 10.15
N CYS B 71 13.02 11.03 9.43
CA CYS B 71 12.23 9.79 9.36
C CYS B 71 13.11 8.60 9.71
N GLN B 72 12.69 7.83 10.70
CA GLN B 72 13.38 6.61 11.09
C GLN B 72 12.81 5.43 10.32
N VAL B 73 13.69 4.60 9.75
CA VAL B 73 13.30 3.35 9.11
C VAL B 73 13.58 2.20 10.05
N ILE B 74 12.62 1.29 10.19
CA ILE B 74 12.75 0.10 11.02
C ILE B 74 12.24 -1.10 10.24
N GLY B 75 13.07 -2.15 10.10
CA GLY B 75 12.64 -3.40 9.51
C GLY B 75 12.29 -4.44 10.57
N ALA B 76 11.51 -5.43 10.19
CA ALA B 76 11.05 -6.45 11.13
C ALA B 76 10.76 -7.76 10.42
N SER B 77 11.02 -8.86 11.13
CA SER B 77 10.68 -10.20 10.65
C SER B 77 10.49 -11.12 11.86
N VAL B 78 9.78 -12.22 11.65
CA VAL B 78 9.57 -13.17 12.75
C VAL B 78 10.83 -13.93 13.11
N ASP B 79 11.85 -13.93 12.27
CA ASP B 79 13.08 -14.64 12.59
C ASP B 79 13.75 -13.99 13.80
N SER B 80 14.55 -14.78 14.50
CA SER B 80 15.20 -14.32 15.73
C SER B 80 16.18 -13.20 15.44
N HIS B 81 16.47 -12.41 16.47
CA HIS B 81 17.49 -11.37 16.33
C HIS B 81 18.87 -11.98 16.08
N PHE B 82 19.11 -13.18 16.58
CA PHE B 82 20.36 -13.88 16.27
C PHE B 82 20.45 -14.20 14.78
N SER B 83 19.35 -14.64 14.19
CA SER B 83 19.32 -14.89 12.76
C SER B 83 19.56 -13.61 11.97
N HIS B 84 18.95 -12.50 12.40
CA HIS B 84 19.19 -11.23 11.73
C HIS B 84 20.68 -10.89 11.71
N LEU B 85 21.34 -10.99 12.86
CA LEU B 85 22.75 -10.65 12.95
C LEU B 85 23.60 -11.60 12.10
N ALA B 86 23.23 -12.88 12.08
CA ALA B 86 23.95 -13.83 11.25
C ALA B 86 23.92 -13.42 9.79
N TRP B 87 22.79 -12.88 9.33
CA TRP B 87 22.69 -12.42 7.94
C TRP B 87 23.47 -11.12 7.72
N VAL B 88 23.40 -10.21 8.69
CA VAL B 88 24.21 -8.99 8.66
C VAL B 88 25.69 -9.34 8.55
N ASN B 89 26.13 -10.33 9.31
CA ASN B 89 27.54 -10.71 9.36
C ASN B 89 27.97 -11.60 8.20
N THR B 90 27.03 -12.06 7.39
CA THR B 90 27.40 -12.81 6.19
C THR B 90 27.98 -11.84 5.16
N PRO B 91 29.13 -12.13 4.57
CA PRO B 91 29.70 -11.20 3.60
C PRO B 91 28.72 -10.94 2.46
N LYS B 92 28.68 -9.68 2.02
CA LYS B 92 27.79 -9.33 0.91
C LYS B 92 28.11 -10.15 -0.34
N LYS B 93 29.38 -10.44 -0.58
CA LYS B 93 29.68 -11.18 -1.80
C LYS B 93 29.20 -12.62 -1.74
N GLN B 94 28.75 -13.10 -0.58
CA GLN B 94 28.19 -14.43 -0.43
C GLN B 94 26.69 -14.40 -0.22
N GLY B 95 26.04 -13.26 -0.46
CA GLY B 95 24.60 -13.14 -0.28
C GLY B 95 24.14 -12.56 1.05
N GLY B 96 25.04 -11.98 1.83
CA GLY B 96 24.67 -11.39 3.11
C GLY B 96 24.19 -9.95 2.98
N LEU B 97 23.68 -9.42 4.09
CA LEU B 97 23.23 -8.03 4.11
C LEU B 97 24.38 -7.04 4.24
N GLY B 98 25.44 -7.41 4.96
CA GLY B 98 26.49 -6.48 5.31
C GLY B 98 26.04 -5.51 6.38
N PRO B 99 26.93 -4.59 6.75
CA PRO B 99 26.59 -3.62 7.80
C PRO B 99 25.33 -2.83 7.46
N MET B 100 24.51 -2.59 8.48
CA MET B 100 23.22 -1.96 8.33
C MET B 100 23.20 -0.56 8.94
N ASN B 101 22.44 0.33 8.30
CA ASN B 101 22.18 1.65 8.85
C ASN B 101 20.82 1.77 9.52
N ILE B 102 20.04 0.69 9.54
CA ILE B 102 18.70 0.66 10.14
C ILE B 102 18.64 -0.50 11.13
N PRO B 103 17.82 -0.40 12.16
CA PRO B 103 17.59 -1.56 13.04
C PRO B 103 16.66 -2.57 12.39
N LEU B 104 16.84 -3.84 12.79
CA LEU B 104 16.02 -4.96 12.32
C LEU B 104 15.41 -5.64 13.54
N VAL B 105 14.09 -5.51 13.69
CA VAL B 105 13.32 -6.03 14.82
C VAL B 105 13.05 -7.52 14.62
N SER B 106 13.04 -8.26 15.73
CA SER B 106 12.64 -9.67 15.74
C SER B 106 11.25 -9.80 16.36
N ASP B 107 10.37 -10.54 15.68
CA ASP B 107 8.98 -10.76 16.12
C ASP B 107 8.70 -12.25 16.29
N PRO B 108 9.43 -12.93 17.17
CA PRO B 108 9.30 -14.41 17.24
C PRO B 108 7.95 -14.88 17.75
N LYS B 109 7.23 -14.06 18.51
CA LYS B 109 5.91 -14.47 18.96
C LYS B 109 4.82 -14.21 17.93
N ARG B 110 5.16 -13.53 16.82
CA ARG B 110 4.25 -13.15 15.74
C ARG B 110 3.21 -12.12 16.18
N THR B 111 3.31 -11.57 17.39
CA THR B 111 2.29 -10.65 17.86
C THR B 111 2.37 -9.28 17.20
N ILE B 112 3.56 -8.85 16.78
CA ILE B 112 3.65 -7.55 16.10
C ILE B 112 3.04 -7.66 14.71
N ALA B 113 3.37 -8.72 13.97
CA ALA B 113 2.74 -8.93 12.67
C ALA B 113 1.22 -9.04 12.81
N GLN B 114 0.73 -9.72 13.85
CA GLN B 114 -0.71 -9.80 14.04
C GLN B 114 -1.32 -8.43 14.33
N ASP B 115 -0.64 -7.64 15.17
CA ASP B 115 -1.15 -6.31 15.50
C ASP B 115 -1.24 -5.43 14.27
N TYR B 116 -0.33 -5.63 13.32
CA TYR B 116 -0.33 -4.82 12.10
C TYR B 116 -1.13 -5.46 10.97
N GLY B 117 -1.80 -6.58 11.23
CA GLY B 117 -2.66 -7.20 10.23
C GLY B 117 -1.95 -7.85 9.07
N VAL B 118 -0.70 -8.24 9.23
CA VAL B 118 0.09 -8.74 8.10
C VAL B 118 0.66 -10.13 8.37
N LEU B 119 0.13 -10.86 9.34
CA LEU B 119 0.58 -12.25 9.51
C LEU B 119 -0.08 -13.15 8.48
N LYS B 120 0.72 -13.90 7.74
CA LYS B 120 0.20 -14.94 6.86
C LYS B 120 -0.05 -16.14 7.75
N ALA B 121 -1.32 -16.31 8.17
CA ALA B 121 -1.64 -17.18 9.29
C ALA B 121 -1.26 -18.63 9.01
N ASP B 122 -1.47 -19.10 7.78
CA ASP B 122 -1.20 -20.50 7.51
C ASP B 122 0.29 -20.80 7.44
N GLU B 123 1.15 -19.78 7.47
CA GLU B 123 2.60 -19.92 7.38
C GLU B 123 3.30 -18.85 8.22
N GLY B 124 2.82 -18.66 9.43
CA GLY B 124 3.54 -17.98 10.51
C GLY B 124 4.61 -16.95 10.22
N ILE B 125 4.57 -16.34 9.04
CA ILE B 125 5.49 -15.28 8.69
C ILE B 125 4.67 -14.07 8.23
N SER B 126 5.33 -12.91 8.21
CA SER B 126 4.64 -11.70 7.77
C SER B 126 4.65 -11.59 6.25
N PHE B 127 3.54 -11.07 5.70
CA PHE B 127 3.57 -10.51 4.36
C PHE B 127 4.50 -9.30 4.35
N ARG B 128 4.71 -8.73 3.16
CA ARG B 128 5.54 -7.53 3.01
C ARG B 128 4.70 -6.30 3.33
N GLY B 129 4.45 -6.09 4.62
CA GLY B 129 3.75 -4.91 5.09
C GLY B 129 4.71 -3.75 5.31
N LEU B 130 4.26 -2.55 4.92
CA LEU B 130 5.02 -1.34 5.17
C LEU B 130 4.06 -0.28 5.68
N PHE B 131 4.47 0.42 6.72
CA PHE B 131 3.58 1.35 7.41
C PHE B 131 4.28 2.68 7.60
N ILE B 132 3.60 3.77 7.27
CA ILE B 132 4.15 5.12 7.47
C ILE B 132 3.41 5.73 8.63
N ILE B 133 4.16 6.09 9.67
CA ILE B 133 3.64 6.58 10.95
C ILE B 133 4.18 7.99 11.14
N ASP B 134 3.30 8.94 11.45
CA ASP B 134 3.78 10.32 11.56
C ASP B 134 4.44 10.58 12.92
N ASP B 135 4.88 11.82 13.11
CA ASP B 135 5.62 12.21 14.30
C ASP B 135 4.77 12.20 15.57
N LYS B 136 3.45 12.19 15.43
CA LYS B 136 2.56 12.04 16.57
C LYS B 136 2.17 10.59 16.83
N GLY B 137 2.72 9.64 16.08
CA GLY B 137 2.40 8.25 16.26
C GLY B 137 1.19 7.76 15.51
N ILE B 138 0.61 8.58 14.62
CA ILE B 138 -0.62 8.24 13.93
C ILE B 138 -0.28 7.54 12.61
N LEU B 139 -0.97 6.43 12.33
CA LEU B 139 -0.76 5.70 11.08
C LEU B 139 -1.31 6.50 9.90
N ARG B 140 -0.48 6.70 8.87
CA ARG B 140 -0.87 7.46 7.70
C ARG B 140 -0.98 6.63 6.43
N GLN B 141 -0.33 5.47 6.36
CA GLN B 141 -0.25 4.76 5.10
C GLN B 141 -0.01 3.29 5.38
N ILE B 142 -0.75 2.44 4.65
CA ILE B 142 -0.63 0.99 4.72
C ILE B 142 -0.26 0.45 3.34
N THR B 143 0.79 -0.37 3.29
CA THR B 143 1.18 -1.07 2.07
C THR B 143 1.39 -2.53 2.43
N VAL B 144 0.73 -3.45 1.71
CA VAL B 144 0.98 -4.88 1.96
C VAL B 144 1.12 -5.59 0.62
N ASN B 145 2.29 -6.20 0.39
CA ASN B 145 2.52 -7.02 -0.79
C ASN B 145 2.54 -8.49 -0.43
N ASP B 146 2.00 -9.32 -1.32
CA ASP B 146 2.22 -10.76 -1.26
C ASP B 146 3.72 -11.06 -1.23
N LEU B 147 4.07 -12.25 -0.74
CA LEU B 147 5.47 -12.61 -0.53
C LEU B 147 6.43 -12.37 -1.69
N PRO B 148 6.09 -12.61 -2.97
CA PRO B 148 7.14 -12.57 -4.00
C PRO B 148 7.52 -11.21 -4.54
N VAL B 149 6.81 -10.13 -4.18
CA VAL B 149 6.97 -8.84 -4.87
C VAL B 149 7.45 -7.77 -3.88
N GLY B 150 8.59 -7.16 -4.21
CA GLY B 150 9.22 -6.19 -3.34
C GLY B 150 8.69 -4.77 -3.47
N ARG B 151 9.19 -3.94 -2.57
CA ARG B 151 8.77 -2.56 -2.41
C ARG B 151 9.84 -1.62 -2.96
N SER B 152 9.46 -0.35 -3.11
CA SER B 152 10.30 0.67 -3.72
C SER B 152 10.65 1.74 -2.70
N VAL B 153 11.95 2.00 -2.52
CA VAL B 153 12.38 3.08 -1.65
C VAL B 153 11.94 4.43 -2.23
N ASP B 154 12.03 4.59 -3.56
CA ASP B 154 11.58 5.82 -4.20
C ASP B 154 10.13 6.14 -3.84
N GLU B 155 9.26 5.13 -3.93
CA GLU B 155 7.84 5.35 -3.63
C GLU B 155 7.65 5.66 -2.16
N THR B 156 8.40 4.98 -1.28
CA THR B 156 8.28 5.24 0.15
C THR B 156 8.68 6.68 0.47
N LEU B 157 9.79 7.14 -0.12
CA LEU B 157 10.21 8.54 0.08
C LEU B 157 9.18 9.51 -0.46
N ARG B 158 8.60 9.22 -1.62
CA ARG B 158 7.55 10.08 -2.16
C ARG B 158 6.42 10.23 -1.16
N LEU B 159 6.01 9.11 -0.56
CA LEU B 159 4.90 9.13 0.39
C LEU B 159 5.26 9.89 1.66
N VAL B 160 6.42 9.59 2.25
CA VAL B 160 6.80 10.27 3.49
C VAL B 160 6.82 11.78 3.28
N GLN B 161 7.47 12.22 2.21
CA GLN B 161 7.60 13.64 1.94
C GLN B 161 6.24 14.29 1.71
N ALA B 162 5.37 13.62 0.96
CA ALA B 162 4.03 14.16 0.68
C ALA B 162 3.20 14.27 1.95
N PHE B 163 3.30 13.28 2.85
CA PHE B 163 2.57 13.41 4.11
C PHE B 163 3.09 14.61 4.91
N GLN B 164 4.40 14.83 4.91
CA GLN B 164 4.96 15.94 5.66
C GLN B 164 4.54 17.27 5.07
N PHE B 165 4.54 17.38 3.74
CA PHE B 165 4.11 18.62 3.10
C PHE B 165 2.65 18.92 3.40
N THR B 166 1.79 17.91 3.31
CA THR B 166 0.38 18.15 3.58
C THR B 166 0.11 18.39 5.06
N ASP B 167 0.99 17.87 5.95
CA ASP B 167 0.89 18.15 7.38
C ASP B 167 1.01 19.65 7.65
N LYS B 168 1.87 20.32 6.88
CA LYS B 168 2.28 21.67 7.21
C LYS B 168 1.47 22.73 6.47
N HIS B 169 0.57 22.33 5.58
CA HIS B 169 -0.01 23.27 4.63
C HIS B 169 -0.63 24.47 5.33
N GLY B 170 -1.67 24.24 6.15
CA GLY B 170 -2.34 25.30 6.86
C GLY B 170 -1.56 25.94 7.99
N GLU B 171 -0.26 25.63 8.13
CA GLU B 171 0.57 26.19 9.18
C GLU B 171 1.62 27.15 8.65
N VAL B 172 1.56 27.48 7.38
CA VAL B 172 2.61 28.26 6.73
C VAL B 172 2.28 29.74 6.81
N CYS B 173 3.33 30.55 6.89
CA CYS B 173 3.26 32.01 6.83
C CYS B 173 2.29 32.46 5.74
N PRO B 174 1.36 33.36 6.06
CA PRO B 174 0.37 33.77 5.06
C PRO B 174 0.81 34.95 4.21
N ALA B 175 2.12 35.18 4.10
CA ALA B 175 2.63 36.20 3.19
C ALA B 175 2.58 35.69 1.75
#